data_6CVH
#
_entry.id   6CVH
#
_cell.length_a   92.378
_cell.length_b   92.378
_cell.length_c   141.898
_cell.angle_alpha   90.000
_cell.angle_beta   90.000
_cell.angle_gamma   120.000
#
_symmetry.space_group_name_H-M   'P 61 2 2'
#
loop_
_entity.id
_entity.type
_entity.pdbx_description
1 polymer 'Nuclear receptor ROR-gamma'
2 non-polymer 'trans-3-({4-(cyclohexylmethyl)-5-[3-(1-methylcyclopropyl)-5-{[(2R)-1,1,1-trifluoropropan-2-yl]carbamoyl}phenyl]-1,3-thiazole-2-carbonyl}amino)cyclobutane-1-carboxylic acid'
#
_entity_poly.entity_id   1
_entity_poly.type   'polypeptide(L)'
_entity_poly.pdbx_seq_one_letter_code
;ASLTEIEHLVQSVCKSYRETCQLRLEDLLRQRSNIFSREEVTGYQRKSMWEMWERCAHHLTEAIQYVVEFAKRLSGFMEL
CQNDQIVLLKAGAMEVVLVRMCRAYNADNRTVFFEGKYGGMELFRALGCSELISSIFDFSHSLSALHFSEDEIALYTALV
LINAHRPGLQEKRKVEQLQYNLELAFHHHLCKTHRQSILAKLPPKGKLRSLCSQHVERLQIFQHLPA
;
_entity_poly.pdbx_strand_id   A
#
loop_
_chem_comp.id
_chem_comp.type
_chem_comp.name
_chem_comp.formula
FJG non-polymer 'trans-3-({4-(cyclohexylmethyl)-5-[3-(1-methylcyclopropyl)-5-{[(2R)-1,1,1-trifluoropropan-2-yl]carbamoyl}phenyl]-1,3-thiazole-2-carbonyl}amino)cyclobutane-1-carboxylic acid' 'C30 H36 F3 N3 O4 S'
#
# COMPACT_ATOMS: atom_id res chain seq x y z
N ALA A 1 28.13 -5.10 1.95
CA ALA A 1 27.19 -6.21 1.83
C ALA A 1 27.71 -7.26 0.85
N SER A 2 27.13 -8.45 0.92
CA SER A 2 27.51 -9.56 0.06
C SER A 2 26.35 -9.98 -0.83
N LEU A 3 26.67 -10.54 -1.99
CA LEU A 3 25.64 -10.98 -2.92
C LEU A 3 24.75 -12.04 -2.28
N THR A 4 25.34 -13.17 -1.89
CA THR A 4 24.57 -14.23 -1.25
C THR A 4 23.76 -13.71 -0.08
N GLU A 5 24.25 -12.66 0.59
CA GLU A 5 23.49 -12.06 1.68
C GLU A 5 22.32 -11.23 1.18
N ILE A 6 22.48 -10.57 0.02
CA ILE A 6 21.39 -9.77 -0.54
C ILE A 6 20.22 -10.66 -0.92
N GLU A 7 20.50 -11.80 -1.56
CA GLU A 7 19.43 -12.74 -1.86
C GLU A 7 18.70 -13.17 -0.60
N HIS A 8 19.44 -13.35 0.50
CA HIS A 8 18.80 -13.57 1.79
C HIS A 8 17.87 -12.42 2.14
N LEU A 9 18.31 -11.18 1.88
CA LEU A 9 17.49 -10.02 2.20
C LEU A 9 16.17 -10.05 1.43
N VAL A 10 16.21 -10.50 0.17
CA VAL A 10 14.99 -10.57 -0.62
C VAL A 10 14.00 -11.55 0.00
N GLN A 11 14.50 -12.67 0.50
CA GLN A 11 13.60 -13.70 1.02
C GLN A 11 12.88 -13.23 2.28
N SER A 12 13.53 -12.39 3.09
CA SER A 12 12.87 -11.86 4.27
C SER A 12 11.77 -10.88 3.90
N VAL A 13 12.07 -9.94 3.01
CA VAL A 13 11.07 -8.95 2.60
C VAL A 13 9.87 -9.64 1.96
N CYS A 14 10.13 -10.63 1.10
CA CYS A 14 9.02 -11.35 0.47
C CYS A 14 8.19 -12.13 1.49
N LYS A 15 8.82 -12.62 2.55
CA LYS A 15 8.10 -13.38 3.57
C LYS A 15 7.40 -12.45 4.54
N SER A 16 8.13 -11.46 5.08
CA SER A 16 7.52 -10.50 5.99
C SER A 16 6.25 -9.90 5.42
N TYR A 17 6.21 -9.69 4.11
CA TYR A 17 5.01 -9.15 3.49
C TYR A 17 3.91 -10.21 3.40
N ARG A 18 4.27 -11.42 2.96
CA ARG A 18 3.27 -12.47 2.80
C ARG A 18 2.64 -12.88 4.12
N GLU A 19 3.32 -12.65 5.24
CA GLU A 19 2.76 -12.91 6.56
C GLU A 19 2.05 -11.70 7.14
N THR A 20 2.25 -10.51 6.57
CA THR A 20 1.58 -9.29 7.02
C THR A 20 0.86 -8.62 5.86
N CYS A 21 0.28 -9.43 4.97
CA CYS A 21 -0.42 -8.93 3.80
C CYS A 21 -1.93 -8.82 4.04
N GLN A 22 -2.39 -8.97 5.28
CA GLN A 22 -3.80 -8.85 5.59
C GLN A 22 -4.61 -9.95 4.91
N LEU A 23 -4.95 -9.74 3.64
CA LEU A 23 -5.76 -10.69 2.88
C LEU A 23 -4.88 -11.53 1.97
N ARG A 24 -5.16 -12.83 1.92
CA ARG A 24 -4.41 -13.73 1.06
C ARG A 24 -4.71 -13.43 -0.41
N LEU A 25 -3.68 -13.61 -1.26
CA LEU A 25 -3.88 -13.39 -2.69
C LEU A 25 -4.80 -14.45 -3.29
N GLU A 26 -4.60 -15.72 -2.91
CA GLU A 26 -5.45 -16.79 -3.42
C GLU A 26 -6.91 -16.57 -3.05
N ASP A 27 -7.20 -15.72 -2.07
CA ASP A 27 -8.57 -15.42 -1.70
C ASP A 27 -9.18 -14.38 -2.63
N LEU A 28 -8.49 -13.24 -2.80
CA LEU A 28 -9.02 -12.17 -3.65
C LEU A 28 -9.22 -12.64 -5.08
N LEU A 29 -8.29 -13.47 -5.58
CA LEU A 29 -8.38 -13.92 -6.97
C LEU A 29 -9.56 -14.84 -7.19
N ARG A 30 -9.74 -15.82 -6.30
CA ARG A 30 -10.77 -16.84 -6.51
C ARG A 30 -12.15 -16.33 -6.14
N GLN A 31 -12.25 -15.52 -5.10
CA GLN A 31 -13.54 -14.99 -4.65
C GLN A 31 -14.01 -13.79 -5.48
N ARG A 32 -13.22 -13.39 -6.48
CA ARG A 32 -13.59 -12.29 -7.37
C ARG A 32 -14.83 -12.60 -8.21
N SER A 33 -15.44 -13.77 -8.05
CA SER A 33 -16.54 -14.13 -8.95
C SER A 33 -17.79 -13.35 -8.62
N ASN A 34 -18.06 -13.10 -7.34
CA ASN A 34 -19.30 -12.45 -6.93
C ASN A 34 -19.06 -10.98 -6.64
N ILE A 35 -20.11 -10.18 -6.80
CA ILE A 35 -20.06 -8.74 -6.54
C ILE A 35 -21.41 -8.31 -5.98
N PHE A 36 -21.44 -7.09 -5.45
CA PHE A 36 -22.66 -6.56 -4.86
C PHE A 36 -23.77 -6.44 -5.90
N SER A 37 -24.96 -6.91 -5.55
CA SER A 37 -26.13 -6.63 -6.38
C SER A 37 -26.42 -5.14 -6.37
N ARG A 38 -27.09 -4.67 -7.43
CA ARG A 38 -27.49 -3.28 -7.47
C ARG A 38 -28.29 -2.90 -6.22
N GLU A 39 -28.96 -3.87 -5.61
CA GLU A 39 -29.60 -3.63 -4.32
C GLU A 39 -28.55 -3.28 -3.26
N GLU A 40 -27.54 -4.13 -3.13
CA GLU A 40 -26.53 -3.93 -2.09
C GLU A 40 -25.78 -2.61 -2.26
N VAL A 41 -25.65 -2.14 -3.50
CA VAL A 41 -24.96 -0.86 -3.72
C VAL A 41 -25.81 0.29 -3.20
N THR A 42 -27.09 0.34 -3.58
CA THR A 42 -27.96 1.40 -3.09
C THR A 42 -27.99 1.44 -1.57
N GLY A 43 -27.92 0.27 -0.93
CA GLY A 43 -27.81 0.25 0.52
C GLY A 43 -26.56 0.96 1.03
N TYR A 44 -25.43 0.75 0.34
CA TYR A 44 -24.22 1.48 0.67
C TYR A 44 -24.33 2.95 0.29
N GLN A 45 -25.07 3.25 -0.79
CA GLN A 45 -25.25 4.64 -1.19
C GLN A 45 -26.21 5.36 -0.25
N ARG A 46 -27.23 4.66 0.25
CA ARG A 46 -28.15 5.24 1.21
C ARG A 46 -27.48 5.55 2.53
N LYS A 47 -26.38 4.86 2.86
CA LYS A 47 -25.67 5.10 4.11
C LYS A 47 -25.35 6.57 4.28
N SER A 48 -25.43 7.05 5.51
CA SER A 48 -24.98 8.40 5.82
C SER A 48 -23.48 8.50 5.61
N MET A 49 -23.03 9.68 5.18
CA MET A 49 -21.61 9.88 4.95
C MET A 49 -20.78 9.51 6.17
N TRP A 50 -21.31 9.74 7.37
CA TRP A 50 -20.63 9.30 8.57
C TRP A 50 -20.59 7.78 8.66
N GLU A 51 -21.65 7.11 8.19
CA GLU A 51 -21.66 5.66 8.12
C GLU A 51 -20.48 5.15 7.28
N MET A 52 -20.42 5.56 6.02
CA MET A 52 -19.32 5.14 5.16
C MET A 52 -17.98 5.60 5.71
N TRP A 53 -17.94 6.81 6.28
CA TRP A 53 -16.68 7.31 6.85
C TRP A 53 -16.20 6.40 7.98
N GLU A 54 -17.10 6.04 8.90
CA GLU A 54 -16.73 5.12 9.97
C GLU A 54 -16.21 3.80 9.41
N ARG A 55 -16.75 3.36 8.28
CA ARG A 55 -16.30 2.11 7.66
C ARG A 55 -14.85 2.21 7.23
N CYS A 56 -14.56 3.12 6.29
CA CYS A 56 -13.21 3.24 5.76
C CYS A 56 -12.20 3.52 6.86
N ALA A 57 -12.57 4.34 7.84
CA ALA A 57 -11.65 4.65 8.93
C ALA A 57 -11.17 3.39 9.63
N HIS A 58 -12.07 2.43 9.86
CA HIS A 58 -11.68 1.18 10.49
C HIS A 58 -10.84 0.33 9.54
N HIS A 59 -11.38 0.02 8.35
CA HIS A 59 -10.63 -0.77 7.39
C HIS A 59 -9.30 -0.13 7.05
N LEU A 60 -9.22 1.20 7.07
CA LEU A 60 -7.95 1.87 6.81
C LEU A 60 -6.97 1.63 7.94
N THR A 61 -7.39 1.90 9.18
CA THR A 61 -6.52 1.66 10.32
C THR A 61 -6.16 0.18 10.43
N GLU A 62 -7.12 -0.71 10.16
CA GLU A 62 -6.84 -2.14 10.20
C GLU A 62 -5.82 -2.51 9.13
N ALA A 63 -5.98 -1.99 7.92
CA ALA A 63 -5.00 -2.24 6.87
C ALA A 63 -3.65 -1.64 7.23
N ILE A 64 -3.63 -0.59 8.05
CA ILE A 64 -2.36 0.02 8.43
C ILE A 64 -1.66 -0.80 9.51
N GLN A 65 -2.43 -1.33 10.47
CA GLN A 65 -1.82 -2.19 11.48
C GLN A 65 -1.04 -3.31 10.84
N TYR A 66 -1.57 -3.90 9.77
CA TYR A 66 -0.79 -4.86 9.00
C TYR A 66 0.41 -4.21 8.34
N VAL A 67 0.28 -2.94 7.96
CA VAL A 67 1.42 -2.22 7.38
C VAL A 67 2.54 -2.10 8.41
N VAL A 68 2.21 -1.65 9.62
CA VAL A 68 3.21 -1.61 10.68
C VAL A 68 3.62 -3.02 11.10
N GLU A 69 2.66 -3.95 11.09
CA GLU A 69 3.01 -5.36 11.26
C GLU A 69 4.06 -5.79 10.25
N PHE A 70 4.01 -5.22 9.04
CA PHE A 70 5.03 -5.50 8.03
C PHE A 70 6.37 -4.92 8.44
N ALA A 71 6.38 -3.68 8.92
CA ALA A 71 7.64 -3.01 9.21
C ALA A 71 8.44 -3.77 10.26
N LYS A 72 7.80 -4.13 11.37
CA LYS A 72 8.49 -4.87 12.42
C LYS A 72 9.00 -6.22 11.97
N ARG A 73 8.68 -6.65 10.74
CA ARG A 73 9.19 -7.92 10.25
C ARG A 73 10.48 -7.77 9.46
N LEU A 74 10.74 -6.57 8.91
CA LEU A 74 11.98 -6.34 8.20
C LEU A 74 13.18 -6.61 9.10
N SER A 75 14.24 -7.13 8.51
CA SER A 75 15.39 -7.61 9.27
C SER A 75 16.31 -6.51 9.77
N GLY A 76 16.13 -5.27 9.32
CA GLY A 76 17.01 -4.19 9.75
C GLY A 76 16.26 -3.01 10.34
N PHE A 77 14.95 -3.13 10.49
CA PHE A 77 14.15 -2.01 10.97
C PHE A 77 14.41 -1.74 12.45
N MET A 78 14.54 -2.79 13.25
CA MET A 78 14.56 -2.62 14.70
C MET A 78 15.82 -1.93 15.20
N GLU A 79 16.94 -2.10 14.48
CA GLU A 79 18.21 -1.60 14.98
C GLU A 79 18.21 -0.08 15.13
N LEU A 80 17.68 0.63 14.13
CA LEU A 80 17.71 2.08 14.15
C LEU A 80 16.83 2.63 15.28
N CYS A 81 17.11 3.87 15.67
CA CYS A 81 16.43 4.48 16.80
C CYS A 81 14.92 4.53 16.58
N GLN A 82 14.19 4.79 17.66
CA GLN A 82 12.73 4.77 17.58
C GLN A 82 12.21 5.93 16.74
N ASN A 83 12.79 7.12 16.89
CA ASN A 83 12.31 8.28 16.15
C ASN A 83 12.27 7.99 14.66
N ASP A 84 13.36 7.46 14.10
CA ASP A 84 13.38 7.11 12.69
C ASP A 84 12.33 6.06 12.37
N GLN A 85 12.10 5.11 13.28
CA GLN A 85 11.05 4.13 13.09
C GLN A 85 9.68 4.81 13.01
N ILE A 86 9.48 5.83 13.84
CA ILE A 86 8.19 6.53 13.86
C ILE A 86 8.01 7.33 12.57
N VAL A 87 9.05 8.09 12.19
CA VAL A 87 8.94 8.97 11.02
C VAL A 87 8.64 8.16 9.77
N LEU A 88 9.45 7.12 9.50
CA LEU A 88 9.27 6.33 8.29
C LEU A 88 7.84 5.82 8.15
N LEU A 89 7.25 5.36 9.25
CA LEU A 89 5.89 4.83 9.20
C LEU A 89 4.87 5.95 8.98
N LYS A 90 5.09 7.12 9.59
CA LYS A 90 4.13 8.20 9.46
C LYS A 90 3.93 8.59 8.00
N ALA A 91 5.02 8.81 7.28
CA ALA A 91 4.95 9.21 5.88
C ALA A 91 4.82 8.03 4.92
N GLY A 92 5.19 6.83 5.36
CA GLY A 92 5.16 5.68 4.47
C GLY A 92 3.96 4.78 4.65
N ALA A 93 3.35 4.81 5.83
CA ALA A 93 2.22 3.92 6.10
C ALA A 93 1.09 4.15 5.11
N MET A 94 0.61 5.39 5.01
CA MET A 94 -0.51 5.68 4.13
C MET A 94 -0.16 5.35 2.68
N GLU A 95 1.09 5.60 2.29
CA GLU A 95 1.50 5.29 0.92
C GLU A 95 1.65 3.79 0.70
N VAL A 96 2.08 3.05 1.73
CA VAL A 96 2.20 1.60 1.60
C VAL A 96 0.82 0.96 1.47
N VAL A 97 -0.20 1.54 2.10
CA VAL A 97 -1.55 1.01 1.98
C VAL A 97 -2.14 1.28 0.60
N LEU A 98 -1.64 2.31 -0.10
CA LEU A 98 -2.13 2.60 -1.43
C LEU A 98 -1.62 1.57 -2.43
N VAL A 99 -0.32 1.25 -2.37
CA VAL A 99 0.24 0.25 -3.27
C VAL A 99 -0.44 -1.10 -3.05
N ARG A 100 -0.74 -1.43 -1.79
CA ARG A 100 -1.42 -2.68 -1.50
C ARG A 100 -2.87 -2.69 -1.96
N MET A 101 -3.41 -1.55 -2.38
CA MET A 101 -4.80 -1.51 -2.84
C MET A 101 -4.93 -2.05 -4.26
N CYS A 102 -3.99 -1.73 -5.15
CA CYS A 102 -4.05 -2.25 -6.51
C CYS A 102 -4.06 -3.77 -6.51
N ARG A 103 -3.45 -4.39 -5.48
CA ARG A 103 -3.48 -5.84 -5.35
C ARG A 103 -4.89 -6.37 -5.15
N ALA A 104 -5.85 -5.51 -4.79
CA ALA A 104 -7.24 -5.90 -4.64
C ALA A 104 -8.15 -5.23 -5.66
N TYR A 105 -7.58 -4.77 -6.77
CA TYR A 105 -8.32 -4.10 -7.83
C TYR A 105 -8.39 -4.98 -9.06
N ASN A 106 -9.60 -5.23 -9.54
CA ASN A 106 -9.82 -6.03 -10.75
C ASN A 106 -10.00 -5.08 -11.93
N ALA A 107 -8.94 -4.95 -12.73
CA ALA A 107 -8.97 -4.03 -13.87
C ALA A 107 -10.01 -4.42 -14.91
N ASP A 108 -10.56 -5.64 -14.84
CA ASP A 108 -11.55 -6.06 -15.82
C ASP A 108 -12.81 -5.20 -15.74
N ASN A 109 -13.31 -4.96 -14.52
CA ASN A 109 -14.55 -4.25 -14.33
C ASN A 109 -14.43 -3.08 -13.34
N ARG A 110 -13.22 -2.71 -12.95
CA ARG A 110 -13.00 -1.58 -12.04
C ARG A 110 -13.74 -1.81 -10.71
N THR A 111 -13.40 -2.92 -10.05
CA THR A 111 -14.03 -3.30 -8.79
C THR A 111 -12.96 -3.67 -7.79
N VAL A 112 -12.98 -3.01 -6.64
CA VAL A 112 -12.06 -3.31 -5.56
C VAL A 112 -12.80 -4.09 -4.48
N PHE A 113 -12.04 -4.75 -3.61
CA PHE A 113 -12.60 -5.57 -2.55
C PHE A 113 -12.82 -4.71 -1.31
N PHE A 114 -14.09 -4.61 -0.87
CA PHE A 114 -14.45 -3.82 0.30
C PHE A 114 -15.55 -4.55 1.05
N GLU A 115 -15.16 -5.31 2.07
CA GLU A 115 -16.10 -5.98 2.97
C GLU A 115 -16.74 -7.20 2.31
N GLY A 116 -15.93 -8.22 2.03
CA GLY A 116 -16.45 -9.51 1.63
C GLY A 116 -17.06 -9.59 0.25
N LYS A 117 -16.76 -8.65 -0.64
CA LYS A 117 -17.29 -8.71 -1.99
C LYS A 117 -16.80 -7.55 -2.84
N TYR A 118 -16.56 -7.80 -4.13
CA TYR A 118 -16.09 -6.75 -5.02
C TYR A 118 -17.23 -5.80 -5.39
N GLY A 119 -16.89 -4.54 -5.60
CA GLY A 119 -17.88 -3.54 -5.98
C GLY A 119 -17.22 -2.40 -6.72
N GLY A 120 -18.06 -1.64 -7.44
CA GLY A 120 -17.59 -0.51 -8.22
C GLY A 120 -17.34 0.70 -7.36
N MET A 121 -17.28 1.85 -8.03
CA MET A 121 -17.05 3.12 -7.34
C MET A 121 -18.34 3.77 -6.88
N GLU A 122 -19.47 3.47 -7.53
CA GLU A 122 -20.76 3.99 -7.06
C GLU A 122 -21.10 3.50 -5.66
N LEU A 123 -20.37 2.51 -5.15
CA LEU A 123 -20.62 2.03 -3.79
C LEU A 123 -20.32 3.09 -2.74
N PHE A 124 -19.53 4.10 -3.08
CA PHE A 124 -19.11 5.13 -2.13
C PHE A 124 -19.73 6.49 -2.45
N ARG A 125 -20.92 6.50 -3.05
CA ARG A 125 -21.60 7.76 -3.31
C ARG A 125 -22.02 8.45 -2.03
N ALA A 126 -22.19 7.70 -0.93
CA ALA A 126 -22.55 8.31 0.33
C ALA A 126 -21.48 9.28 0.81
N LEU A 127 -20.21 8.95 0.57
CA LEU A 127 -19.12 9.83 0.96
C LEU A 127 -19.26 11.20 0.29
N GLY A 128 -19.36 11.20 -1.04
CA GLY A 128 -19.53 12.44 -1.76
C GLY A 128 -18.26 13.18 -2.10
N CYS A 129 -17.16 12.45 -2.33
CA CYS A 129 -15.88 13.02 -2.73
C CYS A 129 -15.36 12.20 -3.91
N SER A 130 -15.84 12.54 -5.11
CA SER A 130 -15.56 11.72 -6.29
C SER A 130 -14.07 11.70 -6.63
N GLU A 131 -13.49 12.90 -6.82
CA GLU A 131 -12.11 12.97 -7.28
C GLU A 131 -11.16 12.20 -6.37
N LEU A 132 -11.44 12.17 -5.07
CA LEU A 132 -10.56 11.43 -4.16
C LEU A 132 -10.78 9.93 -4.28
N ILE A 133 -12.05 9.50 -4.39
CA ILE A 133 -12.33 8.07 -4.51
C ILE A 133 -11.81 7.52 -5.83
N SER A 134 -11.88 8.31 -6.90
CA SER A 134 -11.43 7.84 -8.21
C SER A 134 -9.92 7.87 -8.34
N SER A 135 -9.25 8.80 -7.66
CA SER A 135 -7.79 8.87 -7.76
C SER A 135 -7.15 7.55 -7.35
N ILE A 136 -7.79 6.79 -6.47
CA ILE A 136 -7.25 5.51 -6.05
C ILE A 136 -7.52 4.44 -7.10
N PHE A 137 -8.76 4.36 -7.58
CA PHE A 137 -9.10 3.33 -8.56
C PHE A 137 -8.27 3.47 -9.83
N ASP A 138 -8.14 4.69 -10.34
CA ASP A 138 -7.32 4.90 -11.52
C ASP A 138 -5.86 4.56 -11.24
N PHE A 139 -5.35 4.96 -10.08
CA PHE A 139 -3.97 4.63 -9.73
C PHE A 139 -3.77 3.13 -9.64
N SER A 140 -4.60 2.46 -8.84
CA SER A 140 -4.50 1.00 -8.75
C SER A 140 -4.73 0.33 -10.09
N HIS A 141 -5.52 0.96 -10.97
CA HIS A 141 -5.74 0.40 -12.30
C HIS A 141 -4.43 0.31 -13.07
N SER A 142 -3.65 1.39 -13.07
CA SER A 142 -2.35 1.37 -13.75
C SER A 142 -1.41 0.38 -13.09
N LEU A 143 -1.30 0.42 -11.75
CA LEU A 143 -0.45 -0.52 -11.05
C LEU A 143 -0.89 -1.96 -11.29
N SER A 144 -2.20 -2.19 -11.39
CA SER A 144 -2.70 -3.52 -11.69
C SER A 144 -2.39 -3.94 -13.12
N ALA A 145 -2.04 -2.98 -13.98
CA ALA A 145 -1.72 -3.32 -15.37
C ALA A 145 -0.38 -4.03 -15.46
N LEU A 146 0.59 -3.60 -14.66
CA LEU A 146 1.90 -4.26 -14.65
C LEU A 146 1.83 -5.70 -14.18
N HIS A 147 0.71 -6.11 -13.59
CA HIS A 147 0.56 -7.46 -13.06
C HIS A 147 1.65 -7.77 -12.03
N PHE A 148 1.66 -6.97 -10.97
CA PHE A 148 2.68 -7.08 -9.94
C PHE A 148 2.77 -8.49 -9.37
N SER A 149 3.94 -9.09 -9.47
CA SER A 149 4.20 -10.32 -8.74
C SER A 149 4.32 -10.01 -7.25
N GLU A 150 3.82 -10.92 -6.43
CA GLU A 150 3.76 -10.67 -4.99
C GLU A 150 5.11 -10.21 -4.45
N ASP A 151 6.19 -10.86 -4.88
CA ASP A 151 7.51 -10.52 -4.37
C ASP A 151 7.88 -9.08 -4.72
N GLU A 152 7.41 -8.57 -5.85
CA GLU A 152 7.70 -7.19 -6.22
C GLU A 152 7.02 -6.21 -5.26
N ILE A 153 5.75 -6.45 -4.95
CA ILE A 153 5.03 -5.58 -4.04
C ILE A 153 5.73 -5.51 -2.69
N ALA A 154 6.24 -6.64 -2.22
CA ALA A 154 6.98 -6.64 -0.96
C ALA A 154 8.25 -5.80 -1.07
N LEU A 155 9.00 -5.98 -2.17
CA LEU A 155 10.21 -5.19 -2.38
C LEU A 155 9.86 -3.71 -2.56
N TYR A 156 8.92 -3.41 -3.45
CA TYR A 156 8.51 -2.03 -3.67
C TYR A 156 8.04 -1.39 -2.36
N THR A 157 7.23 -2.12 -1.58
CA THR A 157 6.73 -1.58 -0.33
C THR A 157 7.86 -1.23 0.62
N ALA A 158 8.88 -2.09 0.71
CA ALA A 158 10.01 -1.82 1.60
C ALA A 158 10.65 -0.48 1.26
N LEU A 159 10.88 -0.22 -0.03
CA LEU A 159 11.42 1.06 -0.45
C LEU A 159 10.44 2.21 -0.23
N VAL A 160 9.16 1.91 0.01
CA VAL A 160 8.21 2.96 0.34
C VAL A 160 8.35 3.38 1.79
N LEU A 161 8.48 2.42 2.70
CA LEU A 161 8.75 2.70 4.10
C LEU A 161 10.12 3.34 4.26
N ILE A 162 11.17 2.59 3.94
CA ILE A 162 12.53 3.12 4.03
C ILE A 162 12.67 4.29 3.06
N ASN A 163 13.22 5.39 3.55
CA ASN A 163 13.38 6.61 2.76
C ASN A 163 14.15 7.65 3.56
N ALA A 164 15.49 7.62 3.47
CA ALA A 164 16.29 8.58 4.24
C ALA A 164 15.91 10.02 3.91
N HIS A 165 15.41 10.26 2.70
CA HIS A 165 14.99 11.61 2.29
C HIS A 165 13.61 11.92 2.87
N ARG A 166 13.50 11.78 4.19
CA ARG A 166 12.27 11.96 4.94
C ARG A 166 12.39 13.18 5.85
N PRO A 167 11.26 13.76 6.29
CA PRO A 167 11.30 14.96 7.13
C PRO A 167 12.41 15.00 8.16
N GLY A 168 12.16 14.43 9.35
CA GLY A 168 13.09 14.59 10.45
C GLY A 168 13.64 13.32 11.05
N LEU A 169 14.42 12.58 10.26
CA LEU A 169 15.13 11.42 10.80
C LEU A 169 16.38 11.88 11.54
N GLN A 170 16.74 11.12 12.58
CA GLN A 170 17.92 11.43 13.37
C GLN A 170 19.16 10.81 12.74
N GLU A 171 19.47 9.57 13.13
CA GLU A 171 20.59 8.85 12.53
C GLU A 171 20.25 8.44 11.10
N LYS A 172 20.25 9.42 10.18
CA LYS A 172 19.81 9.16 8.82
C LYS A 172 20.71 8.13 8.13
N ARG A 173 22.02 8.27 8.26
CA ARG A 173 22.94 7.38 7.56
C ARG A 173 22.61 5.91 7.81
N LYS A 174 22.01 5.59 8.96
CA LYS A 174 21.51 4.24 9.17
C LYS A 174 20.28 3.97 8.30
N VAL A 175 19.54 5.01 7.93
CA VAL A 175 18.40 4.84 7.03
C VAL A 175 18.88 4.79 5.57
N GLU A 176 19.85 5.63 5.22
CA GLU A 176 20.39 5.61 3.87
C GLU A 176 20.98 4.24 3.54
N GLN A 177 21.81 3.71 4.44
CA GLN A 177 22.44 2.42 4.20
C GLN A 177 21.41 1.33 3.95
N LEU A 178 20.43 1.21 4.85
CA LEU A 178 19.39 0.19 4.67
C LEU A 178 18.56 0.47 3.43
N GLN A 179 18.18 1.74 3.21
CA GLN A 179 17.39 2.07 2.03
C GLN A 179 18.08 1.65 0.74
N TYR A 180 19.40 1.53 0.76
CA TYR A 180 20.18 1.11 -0.39
C TYR A 180 20.26 -0.40 -0.53
N ASN A 181 20.44 -1.12 0.57
CA ASN A 181 20.45 -2.58 0.51
C ASN A 181 19.13 -3.10 -0.05
N LEU A 182 18.01 -2.47 0.32
CA LEU A 182 16.72 -2.87 -0.23
C LEU A 182 16.67 -2.62 -1.73
N GLU A 183 17.08 -1.43 -2.17
CA GLU A 183 17.16 -1.17 -3.60
C GLU A 183 18.05 -2.19 -4.29
N LEU A 184 19.13 -2.60 -3.63
CA LEU A 184 20.00 -3.64 -4.19
C LEU A 184 19.24 -4.95 -4.33
N ALA A 185 18.68 -5.45 -3.23
CA ALA A 185 17.87 -6.66 -3.30
C ALA A 185 16.71 -6.50 -4.28
N PHE A 186 16.22 -5.26 -4.45
CA PHE A 186 15.14 -5.02 -5.39
C PHE A 186 15.61 -5.21 -6.83
N HIS A 187 16.61 -4.43 -7.24
CA HIS A 187 17.10 -4.54 -8.62
C HIS A 187 17.63 -5.93 -8.93
N HIS A 188 18.37 -6.52 -7.98
CA HIS A 188 18.91 -7.86 -8.21
C HIS A 188 17.80 -8.85 -8.54
N HIS A 189 16.73 -8.85 -7.75
CA HIS A 189 15.63 -9.78 -8.00
C HIS A 189 14.94 -9.46 -9.32
N LEU A 190 14.79 -8.18 -9.64
CA LEU A 190 14.20 -7.81 -10.93
C LEU A 190 14.98 -8.44 -12.08
N CYS A 191 16.27 -8.13 -12.17
CA CYS A 191 17.11 -8.76 -13.19
C CYS A 191 17.10 -10.28 -13.04
N LYS A 192 17.18 -10.77 -11.81
CA LYS A 192 17.12 -12.20 -11.53
C LYS A 192 15.80 -12.82 -11.99
N THR A 193 14.77 -12.01 -12.26
CA THR A 193 13.49 -12.51 -12.73
C THR A 193 13.11 -11.94 -14.09
N HIS A 194 14.02 -11.24 -14.76
CA HIS A 194 13.79 -10.67 -16.09
C HIS A 194 12.74 -9.56 -16.07
N ARG A 195 12.46 -8.97 -14.91
CA ARG A 195 11.47 -7.91 -14.79
C ARG A 195 12.12 -6.56 -14.47
N GLN A 196 13.39 -6.38 -14.86
CA GLN A 196 14.02 -5.08 -14.74
C GLN A 196 13.40 -4.05 -15.68
N SER A 197 12.47 -4.47 -16.55
CA SER A 197 11.88 -3.55 -17.51
C SER A 197 10.90 -2.60 -16.83
N ILE A 198 10.28 -3.02 -15.73
CA ILE A 198 9.23 -2.22 -15.10
C ILE A 198 9.78 -0.92 -14.53
N LEU A 199 11.09 -0.87 -14.23
CA LEU A 199 11.64 0.28 -13.52
C LEU A 199 11.28 1.60 -14.19
N ALA A 200 11.30 1.63 -15.52
CA ALA A 200 10.88 2.82 -16.26
C ALA A 200 9.36 2.92 -16.40
N LYS A 201 8.61 2.01 -15.77
CA LYS A 201 7.16 1.99 -15.89
C LYS A 201 6.43 2.42 -14.63
N LEU A 202 7.10 2.46 -13.49
CA LEU A 202 6.44 2.67 -12.21
C LEU A 202 6.12 4.13 -11.97
N PRO A 203 5.34 4.43 -10.95
CA PRO A 203 5.00 5.83 -10.62
C PRO A 203 6.21 6.55 -10.07
N PRO A 204 6.39 7.83 -10.43
CA PRO A 204 7.61 8.55 -10.03
C PRO A 204 7.46 9.39 -8.77
N LYS A 205 8.30 9.12 -7.78
CA LYS A 205 8.47 9.97 -6.60
C LYS A 205 7.49 9.64 -5.45
N GLY A 206 6.28 10.22 -5.40
CA GLY A 206 5.73 11.17 -6.37
C GLY A 206 4.23 11.09 -6.40
N LYS A 207 3.69 10.20 -7.23
CA LYS A 207 2.26 9.94 -7.21
C LYS A 207 1.82 9.37 -5.87
N LEU A 208 2.74 8.67 -5.18
CA LEU A 208 2.40 8.10 -3.88
C LEU A 208 2.14 9.19 -2.85
N ARG A 209 3.03 10.18 -2.76
CA ARG A 209 2.85 11.26 -1.80
C ARG A 209 1.70 12.17 -2.22
N SER A 210 1.71 12.62 -3.48
CA SER A 210 0.68 13.54 -3.94
C SER A 210 -0.71 12.96 -3.78
N LEU A 211 -0.88 11.67 -4.11
CA LEU A 211 -2.20 11.06 -4.01
C LEU A 211 -2.63 10.92 -2.55
N CYS A 212 -1.74 10.43 -1.70
CA CYS A 212 -2.07 10.28 -0.29
C CYS A 212 -2.22 11.65 0.39
N SER A 213 -1.33 12.58 0.07
CA SER A 213 -1.38 13.90 0.70
C SER A 213 -2.74 14.55 0.51
N GLN A 214 -3.41 14.28 -0.61
CA GLN A 214 -4.75 14.82 -0.80
C GLN A 214 -5.74 14.21 0.18
N HIS A 215 -5.66 12.90 0.42
CA HIS A 215 -6.50 12.28 1.43
C HIS A 215 -6.11 12.76 2.83
N VAL A 216 -4.82 12.61 3.18
CA VAL A 216 -4.37 13.03 4.51
C VAL A 216 -4.70 14.49 4.76
N GLU A 217 -4.80 15.30 3.71
CA GLU A 217 -5.10 16.71 3.88
C GLU A 217 -6.59 16.94 4.17
N ARG A 218 -7.47 16.17 3.52
CA ARG A 218 -8.89 16.34 3.76
C ARG A 218 -9.29 15.95 5.18
N LEU A 219 -8.55 15.03 5.80
CA LEU A 219 -8.86 14.61 7.16
C LEU A 219 -8.32 15.60 8.17
N GLN A 220 -7.13 16.16 7.93
CA GLN A 220 -6.63 17.22 8.81
C GLN A 220 -7.51 18.46 8.79
N ILE A 221 -8.49 18.51 7.89
CA ILE A 221 -9.41 19.64 7.79
C ILE A 221 -10.74 19.32 8.46
N PHE A 222 -11.30 18.14 8.20
CA PHE A 222 -12.65 17.81 8.61
C PHE A 222 -12.72 16.86 9.81
N GLN A 223 -11.61 16.28 10.24
CA GLN A 223 -11.65 15.17 11.18
C GLN A 223 -10.91 15.51 12.47
N HIS A 224 -10.84 14.50 13.35
CA HIS A 224 -10.34 14.64 14.70
C HIS A 224 -9.72 13.33 15.16
N LEU A 225 -9.95 12.26 14.40
CA LEU A 225 -9.42 10.93 14.65
C LEU A 225 -7.89 10.96 14.54
N PRO A 226 -7.24 9.81 14.39
CA PRO A 226 -5.79 9.83 14.14
C PRO A 226 -5.41 10.84 13.07
N ALA A 227 -4.47 11.73 13.42
CA ALA A 227 -4.04 12.78 12.51
C ALA A 227 -2.81 13.50 13.06
C10 FJG B . -6.78 4.81 1.90
C13 FJG B . -4.47 3.83 1.22
C15 FJG B . -5.26 5.99 0.23
C20 FJG B . -10.22 1.36 2.49
C21 FJG B . -11.46 2.11 2.03
C22 FJG B . -11.62 2.11 0.53
C24 FJG B . -12.82 3.33 -1.27
C26 FJG B . -10.48 2.65 -1.62
C28 FJG B . -9.03 -2.07 3.43
C01 FJG B . -10.29 9.74 3.71
C02 FJG B . -10.52 9.17 2.35
N03 FJG B . -9.74 7.97 2.15
C04 FJG B . -9.72 6.87 3.09
O05 FJG B . -10.37 6.89 4.12
C06 FJG B . -8.87 5.69 2.76
C07 FJG B . -9.35 4.39 2.94
C08 FJG B . -8.54 3.30 2.61
C09 FJG B . -7.27 3.51 2.09
C11 FJG B . -7.59 5.89 2.23
C12 FJG B . -5.37 5.00 1.33
C14 FJG B . -4.70 6.31 1.58
C16 FJG B . -8.97 1.97 2.76
S17 FJG B . -7.98 0.65 3.24
C18 FJG B . -9.17 -0.59 3.14
N19 FJG B . -10.29 0.04 2.71
C23 FJG B . -12.67 3.12 0.20
C25 FJG B . -11.53 3.67 -1.91
C27 FJG B . -10.31 2.41 -0.15
O29 FJG B . -8.07 -2.49 4.07
N30 FJG B . -10.03 -2.98 2.92
C31 FJG B . -9.93 -4.36 3.16
C32 FJG B . -10.35 -4.75 4.49
C33 FJG B . -11.68 -5.07 3.95
C34 FJG B . -11.09 -5.11 2.62
C35 FJG B . -12.19 -6.37 4.37
O36 FJG B . -11.77 -6.89 5.44
O37 FJG B . -13.05 -6.96 3.67
C38 FJG B . -11.95 8.88 2.14
F39 FJG B . -12.40 8.02 3.05
F40 FJG B . -12.65 10.02 2.24
F41 FJG B . -12.13 8.38 0.93
H131 FJG B . -4.36 3.41 2.09
H132 FJG B . -3.59 4.13 0.91
H133 FJG B . -4.84 3.19 0.59
H151 FJG B . -4.60 5.78 -0.47
H152 FJG B . -6.08 6.46 -0.02
H212 FJG B . -11.41 3.02 2.34
H211 FJG B . -12.24 1.68 2.42
H221 FJG B . -11.92 1.24 0.24
H242 FJG B . -13.44 4.06 -1.42
H241 FJG B . -13.18 2.52 -1.67
H262 FJG B . -10.72 1.81 -2.04
H261 FJG B . -9.63 2.95 -1.98
H011 FJG B . -10.65 10.64 3.76
H013 FJG B . -9.33 9.76 3.90
H012 FJG B . -10.74 9.18 4.38
H021 FJG B . -10.24 9.85 1.69
H031 FJG B . -9.23 7.90 1.40
H071 FJG B . -10.25 4.25 3.29
H091 FJG B . -6.72 2.76 1.86
H111 FJG B . -7.26 6.79 2.10
H142 FJG B . -3.72 6.27 1.65
H141 FJG B . -5.20 6.95 2.10
H231 FJG B . -12.43 3.97 0.61
H232 FJG B . -13.52 2.82 0.57
H251 FJG B . -11.22 4.54 -1.59
H252 FJG B . -11.65 3.73 -2.88
H272 FJG B . -9.72 1.66 -0.01
H271 FJG B . -9.93 3.21 0.26
H301 FJG B . -10.72 -2.66 2.45
H311 FJG B . -9.09 -4.75 2.89
H322 FJG B . -9.87 -5.54 4.82
H321 FJG B . -10.36 -4.01 5.11
H331 FJG B . -12.32 -4.35 4.06
H342 FJG B . -11.61 -4.60 1.96
H341 FJG B . -10.87 -6.00 2.32
#